data_5FLY
#
_entry.id   5FLY
#
_cell.length_a   43.582
_cell.length_b   53.822
_cell.length_c   120.248
_cell.angle_alpha   90.00
_cell.angle_beta   99.17
_cell.angle_gamma   90.00
#
_symmetry.space_group_name_H-M   'P 1 21 1'
#
loop_
_entity.id
_entity.type
_entity.pdbx_description
1 polymer 'Ferrichrome ABC transporter substrate-binding protein'
2 non-polymer 'CADMIUM ION'
3 non-polymer 'CHLORIDE ION'
4 non-polymer 2,5,8,11,14,17,20,23-OCTAOXAPENTACOSAN-25-OL
5 water water
#
_entity_poly.entity_id   1
_entity_poly.type   'polypeptide(L)'
_entity_poly.pdbx_seq_one_letter_code
;SEKETKAFNLKTAKGEEKIDIPKDPKRIVVMAPTYAGGLKYLDANIVGVSDQVDQSPVLAKQFKDVDKVGAEDVEKVASL
KPDLIITYNTDKNTDKLKKIAPTIAFDYAKYNYLEQQEAMGDIVGKSDEVKKWKADWEKQTAQDSKDIKAHLGDDTSVTI
FEDFDKKIYAYGKNWGRGSEVLYQAFGLQMPKALDDATKKEGWTEVPKEEVGKYAGDVIITAKAKDAAQPEFQKTAMWQN
LEAVQNKYAFNVDSSVYWYNDPYTLDVIRKDLKKQLLALPTN
;
_entity_poly.pdbx_strand_id   A,B
#
# COMPACT_ATOMS: atom_id res chain seq x y z
N LYS A 3 -8.77 3.29 -22.12
CA LYS A 3 -8.25 2.49 -21.02
C LYS A 3 -9.38 1.89 -20.16
N GLU A 4 -9.09 0.76 -19.52
CA GLU A 4 -10.01 0.08 -18.60
C GLU A 4 -10.61 1.08 -17.59
N THR A 5 -11.91 1.02 -17.36
CA THR A 5 -12.55 1.85 -16.33
C THR A 5 -13.15 1.02 -15.20
N LYS A 6 -13.46 1.68 -14.09
CA LYS A 6 -14.23 1.09 -13.00
C LYS A 6 -15.16 2.14 -12.43
N ALA A 7 -16.22 1.70 -11.77
CA ALA A 7 -17.14 2.63 -11.14
C ALA A 7 -16.67 2.91 -9.72
N PHE A 8 -16.44 4.19 -9.42
CA PHE A 8 -16.22 4.63 -8.05
C PHE A 8 -17.56 5.05 -7.48
N ASN A 9 -17.94 4.46 -6.35
CA ASN A 9 -19.23 4.74 -5.74
C ASN A 9 -19.14 5.87 -4.73
N LEU A 10 -19.44 7.08 -5.18
CA LEU A 10 -19.34 8.27 -4.34
C LEU A 10 -20.57 8.45 -3.47
N LYS A 11 -20.37 8.61 -2.16
CA LYS A 11 -21.47 8.94 -1.26
C LYS A 11 -21.85 10.40 -1.40
N THR A 12 -23.13 10.65 -1.69
CA THR A 12 -23.62 12.00 -1.88
C THR A 12 -24.94 12.19 -1.15
N ALA A 13 -25.45 13.41 -1.17
CA ALA A 13 -26.75 13.73 -0.57
C ALA A 13 -27.85 12.89 -1.19
N LYS A 14 -27.68 12.54 -2.46
CA LYS A 14 -28.69 11.78 -3.21
C LYS A 14 -28.50 10.28 -3.06
N GLY A 15 -27.52 9.87 -2.26
CA GLY A 15 -27.24 8.47 -2.03
C GLY A 15 -25.85 8.07 -2.52
N GLU A 16 -25.80 7.26 -3.58
CA GLU A 16 -24.56 6.85 -4.19
C GLU A 16 -24.57 7.27 -5.64
N GLU A 17 -23.50 7.93 -6.05
CA GLU A 17 -23.32 8.36 -7.43
C GLU A 17 -22.18 7.55 -8.00
N LYS A 18 -22.46 6.84 -9.09
CA LYS A 18 -21.44 6.04 -9.74
C LYS A 18 -20.69 6.90 -10.72
N ILE A 19 -19.38 6.95 -10.54
CA ILE A 19 -18.52 7.75 -11.39
C ILE A 19 -17.49 6.84 -12.04
N ASP A 20 -17.52 6.76 -13.37
CA ASP A 20 -16.55 5.93 -14.10
C ASP A 20 -15.17 6.61 -14.11
N ILE A 21 -14.18 5.92 -13.57
CA ILE A 21 -12.81 6.43 -13.50
C ILE A 21 -11.84 5.38 -14.03
N PRO A 22 -10.58 5.75 -14.27
CA PRO A 22 -9.65 4.72 -14.72
C PRO A 22 -9.51 3.60 -13.69
N LYS A 23 -9.38 2.36 -14.14
CA LYS A 23 -9.07 1.26 -13.25
C LYS A 23 -7.75 1.49 -12.54
N ASP A 24 -6.78 2.00 -13.30
CA ASP A 24 -5.48 2.39 -12.78
C ASP A 24 -5.15 3.83 -13.17
N PRO A 25 -5.53 4.79 -12.34
CA PRO A 25 -5.30 6.20 -12.69
C PRO A 25 -3.81 6.52 -12.80
N LYS A 26 -3.44 7.12 -13.92
CA LYS A 26 -2.04 7.39 -14.26
C LYS A 26 -1.66 8.86 -14.08
N ARG A 27 -2.65 9.76 -14.05
CA ARG A 27 -2.39 11.19 -14.02
C ARG A 27 -3.50 11.88 -13.24
N ILE A 28 -3.36 11.85 -11.92
CA ILE A 28 -4.35 12.42 -11.01
C ILE A 28 -3.98 13.85 -10.68
N VAL A 29 -4.95 14.75 -10.76
CA VAL A 29 -4.79 16.09 -10.23
C VAL A 29 -5.68 16.21 -9.02
N VAL A 30 -5.08 16.47 -7.86
CA VAL A 30 -5.85 16.57 -6.62
C VAL A 30 -6.01 18.04 -6.24
N MET A 31 -7.19 18.61 -6.54
CA MET A 31 -7.48 20.00 -6.24
C MET A 31 -7.99 20.21 -4.80
N ALA A 32 -8.50 19.15 -4.19
CA ALA A 32 -8.97 19.20 -2.81
C ALA A 32 -7.86 18.71 -1.87
N PRO A 33 -7.24 19.62 -1.11
CA PRO A 33 -6.07 19.20 -0.32
C PRO A 33 -6.37 18.15 0.74
N THR A 34 -7.62 18.07 1.19
CA THR A 34 -8.02 17.01 2.11
C THR A 34 -7.58 15.62 1.66
N TYR A 35 -7.62 15.37 0.36
CA TYR A 35 -7.37 14.02 -0.18
C TYR A 35 -5.93 13.84 -0.67
N ALA A 36 -5.13 14.88 -0.64
CA ALA A 36 -3.78 14.82 -1.18
C ALA A 36 -2.86 13.92 -0.38
N GLY A 37 -2.83 14.07 0.95
CA GLY A 37 -1.94 13.27 1.76
C GLY A 37 -2.24 11.79 1.66
N GLY A 38 -3.52 11.46 1.63
CA GLY A 38 -3.92 10.05 1.60
C GLY A 38 -3.54 9.35 0.31
N LEU A 39 -3.70 10.04 -0.81
CA LEU A 39 -3.33 9.47 -2.08
C LEU A 39 -1.81 9.35 -2.21
N LYS A 40 -1.07 10.34 -1.72
CA LYS A 40 0.39 10.32 -1.71
C LYS A 40 0.90 9.16 -0.84
N TYR A 41 0.24 8.95 0.29
CA TYR A 41 0.63 7.89 1.21
C TYR A 41 0.53 6.52 0.53
N LEU A 42 -0.40 6.44 -0.41
CA LEU A 42 -0.63 5.24 -1.21
C LEU A 42 0.16 5.21 -2.52
N ASP A 43 1.08 6.15 -2.68
CA ASP A 43 1.93 6.28 -3.86
C ASP A 43 1.10 6.36 -5.14
N ALA A 44 0.02 7.13 -5.07
CA ALA A 44 -0.79 7.40 -6.25
C ALA A 44 -0.03 8.17 -7.32
N ASN A 45 -0.47 8.01 -8.57
CA ASN A 45 0.15 8.71 -9.69
C ASN A 45 -0.35 10.15 -9.82
N ILE A 46 0.16 11.01 -8.94
CA ILE A 46 -0.31 12.39 -8.86
C ILE A 46 0.57 13.30 -9.70
N VAL A 47 -0.05 14.07 -10.60
CA VAL A 47 0.69 14.98 -11.47
C VAL A 47 0.38 16.45 -11.20
N GLY A 48 -0.59 16.74 -10.35
CA GLY A 48 -0.87 18.12 -9.96
C GLY A 48 -1.54 18.09 -8.61
N VAL A 49 -1.26 19.10 -7.78
CA VAL A 49 -1.88 19.17 -6.46
C VAL A 49 -2.15 20.63 -6.10
N SER A 50 -3.25 20.87 -5.41
CA SER A 50 -3.58 22.19 -4.90
C SER A 50 -2.38 22.86 -4.24
N ASP A 51 -2.17 24.13 -4.52
CA ASP A 51 -1.04 24.82 -3.91
C ASP A 51 -1.27 25.02 -2.41
N GLN A 52 -2.47 24.68 -1.91
CA GLN A 52 -2.72 24.77 -0.48
C GLN A 52 -1.88 23.79 0.32
N VAL A 53 -1.39 22.72 -0.31
CA VAL A 53 -0.60 21.75 0.46
C VAL A 53 0.70 22.37 0.95
N ASP A 54 1.17 23.40 0.28
CA ASP A 54 2.43 24.02 0.66
C ASP A 54 2.32 24.82 1.95
N GLN A 55 1.10 25.11 2.38
CA GLN A 55 0.90 25.84 3.62
C GLN A 55 0.93 24.92 4.85
N SER A 56 0.86 23.60 4.62
CA SER A 56 1.10 22.62 5.69
C SER A 56 2.55 22.13 5.68
N PRO A 57 3.27 22.26 6.80
CA PRO A 57 4.65 21.78 6.80
C PRO A 57 4.72 20.30 6.54
N VAL A 58 3.67 19.58 6.95
CA VAL A 58 3.62 18.13 6.78
C VAL A 58 3.48 17.78 5.31
N LEU A 59 2.46 18.33 4.66
CA LEU A 59 2.22 17.99 3.26
C LEU A 59 3.24 18.61 2.31
N ALA A 60 3.78 19.79 2.64
CA ALA A 60 4.70 20.47 1.73
C ALA A 60 5.90 19.59 1.40
N LYS A 61 6.43 18.90 2.40
CA LYS A 61 7.62 18.09 2.17
C LYS A 61 7.30 16.84 1.32
N GLN A 62 6.03 16.44 1.29
CA GLN A 62 5.63 15.27 0.49
C GLN A 62 5.35 15.58 -0.98
N PHE A 63 5.25 16.86 -1.34
CA PHE A 63 4.81 17.26 -2.67
C PHE A 63 5.81 18.18 -3.38
N LYS A 64 7.08 18.10 -2.96
CA LYS A 64 8.11 19.00 -3.49
C LYS A 64 8.29 18.87 -5.00
N ASP A 65 8.09 17.67 -5.54
CA ASP A 65 8.33 17.45 -6.96
C ASP A 65 7.05 17.30 -7.76
N VAL A 66 5.94 17.78 -7.20
CA VAL A 66 4.64 17.77 -7.89
C VAL A 66 4.21 19.19 -8.23
N ASP A 67 3.76 19.38 -9.48
CA ASP A 67 3.23 20.67 -9.91
C ASP A 67 2.10 21.16 -9.01
N LYS A 68 2.16 22.44 -8.66
CA LYS A 68 1.16 23.05 -7.81
C LYS A 68 0.12 23.78 -8.65
N VAL A 69 -1.13 23.71 -8.22
CA VAL A 69 -2.23 24.30 -8.97
C VAL A 69 -3.00 25.32 -8.14
N GLY A 70 -3.28 26.48 -8.72
CA GLY A 70 -4.16 27.47 -8.10
C GLY A 70 -5.62 27.01 -8.03
N ALA A 71 -6.32 27.39 -6.97
CA ALA A 71 -7.66 26.84 -6.67
C ALA A 71 -8.66 26.95 -7.82
N GLU A 72 -8.52 27.98 -8.63
CA GLU A 72 -9.44 28.20 -9.75
C GLU A 72 -8.77 28.08 -11.10
N ASP A 73 -7.53 27.59 -11.13
CA ASP A 73 -6.77 27.52 -12.38
C ASP A 73 -7.11 26.28 -13.22
N VAL A 74 -8.28 26.31 -13.83
CA VAL A 74 -8.75 25.20 -14.66
C VAL A 74 -7.81 24.97 -15.86
N GLU A 75 -7.26 26.04 -16.39
CA GLU A 75 -6.37 25.87 -17.55
C GLU A 75 -5.09 25.14 -17.13
N LYS A 76 -4.63 25.34 -15.90
CA LYS A 76 -3.50 24.56 -15.39
C LYS A 76 -3.88 23.09 -15.29
N VAL A 77 -5.07 22.80 -14.76
CA VAL A 77 -5.51 21.42 -14.65
C VAL A 77 -5.50 20.79 -16.05
N ALA A 78 -6.09 21.47 -17.02
CA ALA A 78 -6.17 20.95 -18.37
C ALA A 78 -4.76 20.70 -18.93
N SER A 79 -3.83 21.61 -18.68
CA SER A 79 -2.49 21.49 -19.24
C SER A 79 -1.75 20.24 -18.73
N LEU A 80 -2.20 19.69 -17.60
CA LEU A 80 -1.55 18.53 -17.02
C LEU A 80 -2.10 17.22 -17.60
N LYS A 81 -3.08 17.33 -18.49
CA LYS A 81 -3.67 16.16 -19.15
C LYS A 81 -4.00 15.04 -18.17
N PRO A 82 -4.81 15.35 -17.15
CA PRO A 82 -5.20 14.35 -16.15
C PRO A 82 -6.09 13.24 -16.71
N ASP A 83 -6.06 12.06 -16.11
CA ASP A 83 -7.09 11.06 -16.40
C ASP A 83 -8.08 10.96 -15.24
N LEU A 84 -7.86 11.74 -14.18
CA LEU A 84 -8.74 11.78 -13.03
C LEU A 84 -8.49 13.07 -12.28
N ILE A 85 -9.57 13.75 -11.88
CA ILE A 85 -9.49 14.97 -11.09
C ILE A 85 -10.26 14.77 -9.79
N ILE A 86 -9.66 15.17 -8.66
CA ILE A 86 -10.26 15.07 -7.34
C ILE A 86 -10.48 16.48 -6.80
N THR A 87 -11.70 16.79 -6.40
CA THR A 87 -11.98 18.10 -5.81
C THR A 87 -13.11 17.97 -4.79
N TYR A 88 -13.63 19.12 -4.35
CA TYR A 88 -14.78 19.14 -3.43
C TYR A 88 -16.03 19.50 -4.19
N ASN A 89 -17.18 19.09 -3.67
CA ASN A 89 -18.42 19.45 -4.32
C ASN A 89 -18.68 20.96 -4.19
N THR A 90 -17.92 21.66 -3.36
CA THR A 90 -18.02 23.12 -3.25
C THR A 90 -17.33 23.85 -4.41
N ASP A 91 -16.56 23.11 -5.21
CA ASP A 91 -15.78 23.73 -6.27
C ASP A 91 -16.70 24.35 -7.31
N LYS A 92 -16.60 25.66 -7.50
CA LYS A 92 -17.45 26.34 -8.46
C LYS A 92 -17.25 25.83 -9.89
N ASN A 93 -16.10 25.23 -10.16
CA ASN A 93 -15.72 24.83 -11.52
C ASN A 93 -15.92 23.35 -11.86
N THR A 94 -16.72 22.65 -11.06
CA THR A 94 -16.91 21.21 -11.27
C THR A 94 -17.38 20.86 -12.68
N ASP A 95 -18.25 21.68 -13.28
CA ASP A 95 -18.74 21.34 -14.61
C ASP A 95 -17.62 21.48 -15.65
N LYS A 96 -16.73 22.46 -15.46
CA LYS A 96 -15.60 22.67 -16.37
C LYS A 96 -14.62 21.49 -16.23
N LEU A 97 -14.35 21.09 -14.99
CA LEU A 97 -13.42 20.00 -14.74
C LEU A 97 -13.88 18.68 -15.37
N LYS A 98 -15.18 18.39 -15.26
CA LYS A 98 -15.74 17.18 -15.87
C LYS A 98 -15.48 17.10 -17.38
N LYS A 99 -15.32 18.26 -18.03
CA LYS A 99 -15.02 18.26 -19.47
C LYS A 99 -13.57 17.85 -19.74
N ILE A 100 -12.71 18.03 -18.74
CA ILE A 100 -11.29 17.72 -18.86
C ILE A 100 -11.00 16.24 -18.61
N ALA A 101 -11.63 15.70 -17.57
CA ALA A 101 -11.37 14.32 -17.17
C ALA A 101 -12.46 13.87 -16.19
N PRO A 102 -12.60 12.55 -15.99
CA PRO A 102 -13.43 12.03 -14.89
C PRO A 102 -13.11 12.77 -13.60
N THR A 103 -14.13 13.27 -12.93
CA THR A 103 -13.98 14.15 -11.78
C THR A 103 -14.79 13.62 -10.60
N ILE A 104 -14.12 13.40 -9.48
CA ILE A 104 -14.78 13.10 -8.21
C ILE A 104 -14.77 14.33 -7.33
N ALA A 105 -15.95 14.92 -7.17
CA ALA A 105 -16.13 16.10 -6.34
C ALA A 105 -16.75 15.66 -5.02
N PHE A 106 -15.88 15.37 -4.08
CA PHE A 106 -16.30 14.84 -2.79
C PHE A 106 -17.15 15.80 -1.98
N ASP A 107 -18.24 15.25 -1.45
CA ASP A 107 -18.99 15.86 -0.35
C ASP A 107 -18.26 15.40 0.90
N TYR A 108 -17.31 16.23 1.33
CA TYR A 108 -16.37 15.90 2.41
C TYR A 108 -17.05 15.22 3.60
N ALA A 109 -18.13 15.80 4.09
CA ALA A 109 -18.74 15.37 5.34
C ALA A 109 -19.37 13.96 5.28
N LYS A 110 -19.48 13.37 4.10
CA LYS A 110 -20.07 12.04 3.97
C LYS A 110 -19.13 10.89 4.37
N TYR A 111 -17.86 11.21 4.59
CA TYR A 111 -16.85 10.21 4.98
C TYR A 111 -16.16 10.59 6.28
N ASN A 112 -16.14 9.68 7.26
CA ASN A 112 -15.27 9.89 8.40
C ASN A 112 -13.85 9.62 7.92
N TYR A 113 -12.86 9.94 8.75
CA TYR A 113 -11.48 9.99 8.30
C TYR A 113 -10.92 8.63 7.88
N LEU A 114 -11.43 7.56 8.48
CA LEU A 114 -11.00 6.21 8.10
C LEU A 114 -11.67 5.77 6.79
N GLU A 115 -12.99 5.98 6.69
CA GLU A 115 -13.73 5.75 5.44
C GLU A 115 -13.11 6.55 4.28
N GLN A 116 -12.64 7.74 4.60
CA GLN A 116 -12.01 8.59 3.58
C GLN A 116 -10.76 7.91 2.99
N GLN A 117 -9.91 7.35 3.85
CA GLN A 117 -8.69 6.75 3.37
C GLN A 117 -9.03 5.45 2.64
N GLU A 118 -10.07 4.78 3.10
CA GLU A 118 -10.55 3.60 2.38
C GLU A 118 -11.02 3.96 0.98
N ALA A 119 -11.66 5.11 0.82
CA ALA A 119 -12.02 5.59 -0.51
C ALA A 119 -10.78 5.85 -1.38
N MET A 120 -9.72 6.41 -0.79
CA MET A 120 -8.49 6.64 -1.53
C MET A 120 -7.91 5.31 -1.98
N GLY A 121 -7.95 4.31 -1.11
CA GLY A 121 -7.55 2.97 -1.50
C GLY A 121 -8.35 2.41 -2.67
N ASP A 122 -9.66 2.66 -2.66
CA ASP A 122 -10.53 2.19 -3.72
C ASP A 122 -10.17 2.84 -5.06
N ILE A 123 -9.89 4.13 -5.04
CA ILE A 123 -9.54 4.86 -6.25
C ILE A 123 -8.31 4.27 -6.93
N VAL A 124 -7.27 4.00 -6.15
CA VAL A 124 -5.98 3.60 -6.73
C VAL A 124 -5.77 2.09 -6.71
N GLY A 125 -6.74 1.35 -6.20
CA GLY A 125 -6.66 -0.10 -6.18
C GLY A 125 -5.67 -0.63 -5.15
N LYS A 126 -5.62 0.02 -4.00
CA LYS A 126 -4.75 -0.42 -2.90
C LYS A 126 -5.51 -0.57 -1.59
N SER A 127 -6.65 -1.25 -1.66
CA SER A 127 -7.45 -1.48 -0.46
C SER A 127 -6.69 -2.33 0.57
N ASP A 128 -5.85 -3.26 0.11
CA ASP A 128 -5.05 -4.07 1.05
C ASP A 128 -4.14 -3.17 1.89
N GLU A 129 -3.45 -2.23 1.24
CA GLU A 129 -2.55 -1.33 1.96
C GLU A 129 -3.30 -0.53 3.03
N VAL A 130 -4.49 -0.06 2.69
CA VAL A 130 -5.25 0.75 3.64
C VAL A 130 -5.68 -0.12 4.83
N LYS A 131 -6.11 -1.35 4.56
CA LYS A 131 -6.47 -2.29 5.61
C LYS A 131 -5.36 -2.45 6.64
N LYS A 132 -4.12 -2.61 6.16
CA LYS A 132 -2.93 -2.76 7.03
C LYS A 132 -2.68 -1.48 7.81
N TRP A 133 -2.69 -0.34 7.11
CA TRP A 133 -2.53 0.95 7.76
C TRP A 133 -3.59 1.17 8.84
N LYS A 134 -4.84 0.89 8.51
CA LYS A 134 -5.94 1.04 9.46
C LYS A 134 -5.76 0.18 10.72
N ALA A 135 -5.38 -1.08 10.53
CA ALA A 135 -5.19 -1.98 11.66
C ALA A 135 -4.07 -1.49 12.56
N ASP A 136 -2.99 -1.01 11.96
CA ASP A 136 -1.86 -0.50 12.72
C ASP A 136 -2.26 0.75 13.49
N TRP A 137 -2.99 1.63 12.82
CA TRP A 137 -3.47 2.87 13.44
C TRP A 137 -4.38 2.61 14.63
N GLU A 138 -5.28 1.64 14.49
CA GLU A 138 -6.24 1.35 15.54
C GLU A 138 -5.56 0.74 16.76
N LYS A 139 -4.59 -0.13 16.51
CA LYS A 139 -3.84 -0.77 17.59
C LYS A 139 -2.99 0.26 18.35
N GLN A 140 -2.33 1.16 17.63
CA GLN A 140 -1.50 2.18 18.26
C GLN A 140 -2.35 3.14 19.08
N THR A 141 -3.43 3.65 18.50
CA THR A 141 -4.21 4.68 19.17
C THR A 141 -5.05 4.10 20.31
N ALA A 142 -5.37 2.82 20.23
CA ALA A 142 -6.02 2.14 21.36
C ALA A 142 -5.12 2.19 22.58
N GLN A 143 -3.83 1.94 22.39
CA GLN A 143 -2.88 2.00 23.50
C GLN A 143 -2.71 3.45 23.97
N ASP A 144 -2.57 4.37 23.02
CA ASP A 144 -2.49 5.79 23.36
C ASP A 144 -3.66 6.23 24.25
N SER A 145 -4.87 5.80 23.89
CA SER A 145 -6.09 6.17 24.60
C SER A 145 -6.02 5.73 26.06
N LYS A 146 -5.54 4.50 26.28
CA LYS A 146 -5.42 3.97 27.62
C LYS A 146 -4.40 4.76 28.42
N ASP A 147 -3.27 5.10 27.78
CA ASP A 147 -2.20 5.86 28.44
C ASP A 147 -2.69 7.24 28.85
N ILE A 148 -3.38 7.92 27.93
CA ILE A 148 -3.89 9.26 28.20
C ILE A 148 -5.01 9.27 29.25
N LYS A 149 -5.93 8.32 29.18
CA LYS A 149 -7.04 8.31 30.12
C LYS A 149 -6.57 7.90 31.53
N ALA A 150 -5.52 7.09 31.60
CA ALA A 150 -4.95 6.73 32.89
C ALA A 150 -4.32 7.95 33.55
N HIS A 151 -3.78 8.86 32.72
CA HIS A 151 -3.11 10.04 33.23
C HIS A 151 -4.09 11.15 33.62
N LEU A 152 -5.09 11.37 32.76
CA LEU A 152 -5.99 12.51 32.93
C LEU A 152 -7.36 12.17 33.53
N GLY A 153 -7.78 10.91 33.37
CA GLY A 153 -9.11 10.49 33.80
C GLY A 153 -9.92 9.93 32.63
N ASP A 154 -10.69 8.87 32.91
CA ASP A 154 -11.45 8.20 31.86
C ASP A 154 -12.51 9.06 31.18
N ASP A 155 -13.06 10.04 31.90
CA ASP A 155 -14.17 10.84 31.39
C ASP A 155 -13.72 12.20 30.86
N THR A 156 -12.41 12.35 30.69
CA THR A 156 -11.83 13.63 30.27
C THR A 156 -12.46 14.12 28.97
N SER A 157 -12.94 15.36 28.98
CA SER A 157 -13.47 16.00 27.78
C SER A 157 -12.46 17.02 27.22
N VAL A 158 -12.62 17.32 25.95
CA VAL A 158 -11.70 18.26 25.29
C VAL A 158 -12.48 19.14 24.31
N THR A 159 -12.00 20.38 24.20
CA THR A 159 -12.51 21.38 23.29
C THR A 159 -11.39 21.84 22.38
N ILE A 160 -11.65 21.93 21.08
CA ILE A 160 -10.68 22.49 20.14
C ILE A 160 -11.20 23.83 19.65
N PHE A 161 -10.47 24.88 19.97
CA PHE A 161 -10.66 26.18 19.35
C PHE A 161 -9.61 26.43 18.28
N GLU A 162 -9.97 27.14 17.22
CA GLU A 162 -8.96 27.67 16.30
C GLU A 162 -9.08 29.18 16.20
N ASP A 163 -7.93 29.83 16.34
CA ASP A 163 -7.76 31.26 16.13
C ASP A 163 -7.35 31.48 14.67
N PHE A 164 -8.26 32.06 13.87
CA PHE A 164 -8.01 32.22 12.45
C PHE A 164 -8.67 33.50 11.95
N ASP A 165 -7.87 34.36 11.33
CA ASP A 165 -8.31 35.66 10.80
C ASP A 165 -9.18 36.42 11.81
N LYS A 166 -8.73 36.42 13.05
CA LYS A 166 -9.32 37.21 14.14
C LYS A 166 -10.70 36.72 14.53
N LYS A 167 -11.04 35.51 14.09
CA LYS A 167 -12.25 34.83 14.50
C LYS A 167 -11.90 33.56 15.25
N ILE A 168 -12.91 32.98 15.91
CA ILE A 168 -12.75 31.76 16.69
C ILE A 168 -13.63 30.67 16.10
N TYR A 169 -13.04 29.49 15.90
CA TYR A 169 -13.81 28.34 15.43
C TYR A 169 -13.73 27.19 16.43
N ALA A 170 -14.76 26.36 16.49
CA ALA A 170 -14.69 25.11 17.27
C ALA A 170 -15.17 23.96 16.40
N TYR A 171 -14.69 22.76 16.68
CA TYR A 171 -14.90 21.63 15.76
C TYR A 171 -15.67 20.45 16.33
N GLY A 172 -16.41 19.81 15.43
CA GLY A 172 -17.01 18.51 15.67
C GLY A 172 -15.97 17.40 15.64
N LYS A 173 -16.42 16.14 15.58
CA LYS A 173 -15.49 15.02 15.72
C LYS A 173 -14.68 14.69 14.46
N ASN A 174 -14.98 15.32 13.32
CA ASN A 174 -14.29 14.96 12.07
C ASN A 174 -14.12 16.17 11.16
N TRP A 175 -13.44 17.21 11.65
CA TRP A 175 -13.16 18.38 10.83
C TRP A 175 -11.70 18.83 10.93
N GLY A 176 -10.80 17.86 11.08
CA GLY A 176 -9.39 18.18 11.21
C GLY A 176 -9.11 18.85 12.54
N ARG A 177 -7.98 19.56 12.58
CA ARG A 177 -7.51 20.24 13.77
C ARG A 177 -7.37 19.29 14.96
N GLY A 178 -7.04 18.04 14.69
CA GLY A 178 -6.87 17.05 15.74
C GLY A 178 -8.15 16.39 16.23
N SER A 179 -9.29 16.78 15.68
CA SER A 179 -10.58 16.26 16.14
C SER A 179 -10.68 14.74 15.96
N GLU A 180 -10.19 14.24 14.83
CA GLU A 180 -10.25 12.80 14.59
C GLU A 180 -9.43 12.05 15.62
N VAL A 181 -8.22 12.53 15.87
CA VAL A 181 -7.36 11.88 16.85
C VAL A 181 -7.96 11.95 18.26
N LEU A 182 -8.42 13.13 18.66
CA LEU A 182 -8.88 13.37 20.03
C LEU A 182 -10.19 12.65 20.34
N TYR A 183 -11.19 12.77 19.46
CA TYR A 183 -12.53 12.26 19.75
C TYR A 183 -12.78 10.84 19.27
N GLN A 184 -12.15 10.44 18.16
CA GLN A 184 -12.38 9.11 17.62
C GLN A 184 -11.26 8.15 18.01
N ALA A 185 -10.02 8.46 17.64
CA ALA A 185 -8.90 7.55 17.90
C ALA A 185 -8.61 7.41 19.40
N PHE A 186 -8.57 8.52 20.14
CA PHE A 186 -8.29 8.49 21.58
C PHE A 186 -9.57 8.35 22.42
N GLY A 187 -10.72 8.61 21.81
CA GLY A 187 -12.00 8.39 22.49
C GLY A 187 -12.29 9.34 23.65
N LEU A 188 -11.73 10.53 23.59
CA LEU A 188 -12.00 11.55 24.60
C LEU A 188 -13.38 12.18 24.36
N GLN A 189 -13.99 12.70 25.41
CA GLN A 189 -15.35 13.19 25.32
C GLN A 189 -15.42 14.59 24.75
N MET A 190 -16.54 14.86 24.10
CA MET A 190 -16.85 16.21 23.65
C MET A 190 -17.92 16.78 24.57
N PRO A 191 -17.70 18.00 25.11
CA PRO A 191 -18.72 18.63 25.93
C PRO A 191 -20.05 18.72 25.18
N LYS A 192 -21.15 18.43 25.89
CA LYS A 192 -22.47 18.39 25.26
C LYS A 192 -22.82 19.65 24.46
N ALA A 193 -22.52 20.83 25.00
CA ALA A 193 -22.90 22.06 24.34
C ALA A 193 -22.16 22.22 23.02
N LEU A 194 -20.91 21.76 23.01
CA LEU A 194 -20.06 21.81 21.84
C LEU A 194 -20.54 20.81 20.79
N ASP A 195 -20.91 19.61 21.25
CA ASP A 195 -21.51 18.61 20.37
C ASP A 195 -22.71 19.20 19.65
N ASP A 196 -23.64 19.76 20.41
CA ASP A 196 -24.85 20.31 19.83
C ASP A 196 -24.58 21.45 18.84
N ALA A 197 -23.62 22.31 19.18
CA ALA A 197 -23.25 23.45 18.32
C ALA A 197 -22.53 23.04 17.04
N THR A 198 -21.95 21.84 17.00
CA THR A 198 -21.16 21.41 15.83
C THR A 198 -21.76 20.25 15.05
N LYS A 199 -22.87 19.73 15.54
CA LYS A 199 -23.48 18.50 14.99
C LYS A 199 -23.96 18.68 13.54
N LYS A 200 -24.63 19.80 13.26
CA LYS A 200 -25.31 20.00 11.99
C LYS A 200 -24.35 20.21 10.81
N GLU A 201 -23.31 21.02 11.04
CA GLU A 201 -22.40 21.40 9.96
C GLU A 201 -21.00 20.82 10.14
N GLY A 202 -20.69 20.32 11.33
CA GLY A 202 -19.40 19.69 11.61
C GLY A 202 -18.38 20.59 12.29
N TRP A 203 -18.76 21.87 12.41
CA TRP A 203 -17.89 22.89 12.96
C TRP A 203 -18.75 24.11 13.22
N THR A 204 -18.22 25.09 13.94
CA THR A 204 -18.93 26.35 14.09
C THR A 204 -17.99 27.50 14.38
N GLU A 205 -18.39 28.70 13.96
CA GLU A 205 -17.77 29.91 14.47
C GLU A 205 -18.31 30.13 15.89
N VAL A 206 -17.44 30.60 16.77
CA VAL A 206 -17.77 30.86 18.17
C VAL A 206 -17.65 32.34 18.42
N PRO A 207 -18.77 33.02 18.73
CA PRO A 207 -18.61 34.40 19.17
C PRO A 207 -17.71 34.49 20.41
N LYS A 208 -16.89 35.54 20.49
CA LYS A 208 -15.82 35.55 21.49
C LYS A 208 -16.39 35.54 22.91
N GLU A 209 -17.59 36.10 23.07
CA GLU A 209 -18.22 36.14 24.39
C GLU A 209 -18.73 34.77 24.87
N GLU A 210 -18.70 33.77 23.98
CA GLU A 210 -19.34 32.48 24.27
C GLU A 210 -18.32 31.35 24.42
N VAL A 211 -17.04 31.71 24.43
CA VAL A 211 -15.98 30.70 24.57
C VAL A 211 -16.22 29.74 25.76
N GLY A 212 -16.57 30.29 26.91
CA GLY A 212 -16.77 29.50 28.11
C GLY A 212 -17.90 28.49 28.03
N LYS A 213 -18.91 28.77 27.21
CA LYS A 213 -20.05 27.88 27.08
C LYS A 213 -19.66 26.54 26.46
N TYR A 214 -18.51 26.49 25.78
CA TYR A 214 -18.09 25.29 25.03
C TYR A 214 -16.83 24.64 25.59
N ALA A 215 -16.38 25.10 26.76
CA ALA A 215 -15.11 24.64 27.33
C ALA A 215 -15.23 23.32 28.08
N GLY A 216 -14.32 22.39 27.80
CA GLY A 216 -14.25 21.11 28.47
C GLY A 216 -13.11 21.02 29.46
N ASP A 217 -12.73 19.79 29.82
CA ASP A 217 -11.70 19.55 30.83
C ASP A 217 -10.32 19.98 30.34
N VAL A 218 -10.13 19.87 29.02
CA VAL A 218 -8.89 20.21 28.34
C VAL A 218 -9.26 21.13 27.19
N ILE A 219 -8.50 22.21 27.01
CA ILE A 219 -8.75 23.14 25.91
C ILE A 219 -7.51 23.31 25.05
N ILE A 220 -7.68 22.99 23.77
CA ILE A 220 -6.60 23.06 22.82
C ILE A 220 -6.93 24.16 21.83
N THR A 221 -5.97 25.08 21.66
CA THR A 221 -6.10 26.18 20.71
C THR A 221 -5.14 25.99 19.53
N ALA A 222 -5.73 25.84 18.36
CA ALA A 222 -4.97 25.77 17.12
C ALA A 222 -4.77 27.18 16.60
N LYS A 223 -3.51 27.56 16.40
CA LYS A 223 -3.18 28.90 15.92
C LYS A 223 -1.90 28.89 15.11
N ALA A 224 -1.71 29.94 14.34
CA ALA A 224 -0.46 30.09 13.60
C ALA A 224 0.70 30.34 14.54
N LYS A 225 1.84 29.74 14.22
CA LYS A 225 3.03 29.88 15.04
C LYS A 225 3.44 31.35 15.16
N ASP A 226 3.25 32.12 14.09
CA ASP A 226 3.71 33.52 14.07
C ASP A 226 2.66 34.53 14.55
N ALA A 227 1.49 34.03 14.98
CA ALA A 227 0.46 34.89 15.54
C ALA A 227 0.73 35.18 17.01
N ALA A 228 0.40 36.40 17.45
CA ALA A 228 0.46 36.74 18.87
C ALA A 228 -0.63 35.97 19.60
N GLN A 229 -0.53 35.93 20.93
CA GLN A 229 -1.57 35.26 21.73
C GLN A 229 -2.96 35.69 21.30
N PRO A 230 -3.89 34.73 21.13
CA PRO A 230 -5.26 35.09 20.77
C PRO A 230 -5.93 35.94 21.84
N GLU A 231 -6.76 36.87 21.41
CA GLU A 231 -7.40 37.78 22.33
C GLU A 231 -8.26 37.03 23.37
N PHE A 232 -8.86 35.91 22.96
CA PHE A 232 -9.80 35.21 23.84
C PHE A 232 -9.11 34.48 24.98
N GLN A 233 -7.77 34.39 24.94
CA GLN A 233 -7.04 33.78 26.03
C GLN A 233 -6.63 34.79 27.12
N LYS A 234 -6.99 36.05 26.94
CA LYS A 234 -6.55 37.10 27.87
C LYS A 234 -7.61 37.49 28.91
N THR A 235 -8.86 37.09 28.66
CA THR A 235 -9.98 37.54 29.48
C THR A 235 -10.07 36.94 30.86
N ALA A 236 -10.81 37.60 31.75
CA ALA A 236 -11.15 37.02 33.04
C ALA A 236 -11.94 35.72 32.85
N MET A 237 -12.85 35.69 31.88
CA MET A 237 -13.66 34.50 31.59
C MET A 237 -12.74 33.31 31.36
N TRP A 238 -11.72 33.52 30.53
CA TRP A 238 -10.78 32.45 30.18
C TRP A 238 -10.05 31.98 31.42
N GLN A 239 -9.49 32.93 32.16
CA GLN A 239 -8.68 32.59 33.31
C GLN A 239 -9.48 31.85 34.36
N ASN A 240 -10.80 32.03 34.35
CA ASN A 240 -11.65 31.37 35.33
C ASN A 240 -12.19 30.01 34.87
N LEU A 241 -11.89 29.61 33.64
CA LEU A 241 -12.27 28.27 33.19
C LEU A 241 -11.52 27.20 33.97
N GLU A 242 -12.21 26.11 34.28
CA GLU A 242 -11.61 25.04 35.08
C GLU A 242 -10.39 24.47 34.34
N ALA A 243 -10.45 24.33 33.02
CA ALA A 243 -9.31 23.79 32.28
C ALA A 243 -8.09 24.69 32.44
N VAL A 244 -8.31 25.99 32.37
CA VAL A 244 -7.22 26.96 32.48
C VAL A 244 -6.70 27.00 33.91
N GLN A 245 -7.59 26.96 34.90
CA GLN A 245 -7.16 26.84 36.30
C GLN A 245 -6.37 25.54 36.57
N ASN A 246 -6.74 24.45 35.91
CA ASN A 246 -6.04 23.17 36.09
C ASN A 246 -4.75 23.08 35.25
N LYS A 247 -4.46 24.14 34.49
CA LYS A 247 -3.33 24.16 33.56
C LYS A 247 -3.42 23.01 32.53
N TYR A 248 -4.63 22.82 32.04
CA TYR A 248 -4.97 21.82 31.04
C TYR A 248 -5.32 22.52 29.72
N ALA A 249 -4.54 23.53 29.37
CA ALA A 249 -4.80 24.29 28.14
C ALA A 249 -3.47 24.51 27.42
N PHE A 250 -3.42 24.16 26.14
CA PHE A 250 -2.20 24.35 25.36
C PHE A 250 -2.53 24.66 23.92
N ASN A 251 -1.56 25.24 23.23
CA ASN A 251 -1.68 25.59 21.83
C ASN A 251 -1.03 24.56 20.93
N VAL A 252 -1.59 24.43 19.74
CA VAL A 252 -0.96 23.64 18.69
C VAL A 252 -0.86 24.47 17.40
N ASP A 253 0.00 24.02 16.48
CA ASP A 253 0.28 24.70 15.21
C ASP A 253 -0.81 24.39 14.20
N SER A 254 -1.66 25.36 13.89
CA SER A 254 -2.80 25.10 13.04
C SER A 254 -2.41 24.62 11.64
N SER A 255 -1.29 25.10 11.09
CA SER A 255 -0.91 24.73 9.72
C SER A 255 -0.54 23.26 9.66
N VAL A 256 -0.07 22.71 10.77
CA VAL A 256 0.23 21.29 10.86
C VAL A 256 -1.07 20.50 11.06
N TYR A 257 -1.98 21.05 11.85
CA TYR A 257 -3.15 20.31 12.34
C TYR A 257 -4.40 20.37 11.46
N TRP A 258 -4.41 21.17 10.40
CA TRP A 258 -5.63 21.32 9.62
C TRP A 258 -6.16 20.02 9.03
N TYR A 259 -5.25 19.16 8.56
CA TYR A 259 -5.65 18.00 7.74
C TYR A 259 -5.85 16.72 8.55
N ASN A 260 -6.38 15.67 7.91
CA ASN A 260 -6.63 14.41 8.58
C ASN A 260 -6.21 13.20 7.74
N ASP A 261 -5.26 13.45 6.84
CA ASP A 261 -4.60 12.39 6.06
C ASP A 261 -3.62 11.58 6.94
N PRO A 262 -3.17 10.42 6.46
CA PRO A 262 -2.27 9.59 7.29
C PRO A 262 -0.96 10.29 7.72
N TYR A 263 -0.37 11.15 6.90
CA TYR A 263 0.87 11.83 7.31
C TYR A 263 0.56 12.76 8.49
N THR A 264 -0.49 13.56 8.34
CA THR A 264 -0.88 14.51 9.36
C THR A 264 -1.31 13.77 10.61
N LEU A 265 -2.04 12.68 10.43
CA LEU A 265 -2.51 11.87 11.55
C LEU A 265 -1.32 11.36 12.38
N ASP A 266 -0.26 10.88 11.72
CA ASP A 266 0.91 10.39 12.48
C ASP A 266 1.54 11.51 13.32
N VAL A 267 1.71 12.67 12.71
CA VAL A 267 2.33 13.80 13.38
C VAL A 267 1.48 14.29 14.55
N ILE A 268 0.18 14.47 14.31
CA ILE A 268 -0.67 15.06 15.35
C ILE A 268 -0.94 14.04 16.47
N ARG A 269 -0.95 12.75 16.15
CA ARG A 269 -1.12 11.72 17.16
C ARG A 269 0.03 11.85 18.14
N LYS A 270 1.23 11.94 17.58
CA LYS A 270 2.43 11.99 18.41
C LYS A 270 2.47 13.24 19.27
N ASP A 271 2.16 14.37 18.65
CA ASP A 271 2.24 15.65 19.33
C ASP A 271 1.18 15.74 20.42
N LEU A 272 -0.04 15.33 20.10
CA LEU A 272 -1.13 15.41 21.05
C LEU A 272 -0.88 14.50 22.24
N LYS A 273 -0.43 13.28 21.97
CA LYS A 273 -0.13 12.38 23.06
C LYS A 273 0.91 12.97 23.99
N LYS A 274 1.97 13.52 23.41
CA LYS A 274 3.05 14.13 24.19
C LYS A 274 2.53 15.25 25.07
N GLN A 275 1.74 16.15 24.48
CA GLN A 275 1.30 17.31 25.22
C GLN A 275 0.25 16.93 26.27
N LEU A 276 -0.59 15.94 25.97
CA LEU A 276 -1.60 15.49 26.93
C LEU A 276 -0.94 14.82 28.13
N LEU A 277 0.07 13.98 27.87
CA LEU A 277 0.72 13.26 28.96
C LEU A 277 1.62 14.19 29.80
N ALA A 278 1.98 15.34 29.23
CA ALA A 278 2.84 16.32 29.92
C ALA A 278 2.05 17.23 30.85
N LEU A 279 0.72 17.21 30.70
CA LEU A 279 -0.16 18.00 31.55
C LEU A 279 -0.01 17.58 33.01
N PRO A 280 -0.15 18.55 33.94
CA PRO A 280 -0.44 19.96 33.71
C PRO A 280 0.75 20.78 33.19
N THR A 281 0.46 21.89 32.50
CA THR A 281 1.49 22.80 32.02
C THR A 281 2.16 23.52 33.19
N THR B 5 -12.55 -32.27 -24.83
CA THR B 5 -11.16 -32.03 -24.49
C THR B 5 -10.48 -31.07 -25.46
N LYS B 6 -9.32 -30.57 -25.04
CA LYS B 6 -8.45 -29.81 -25.92
C LYS B 6 -7.02 -30.23 -25.66
N ALA B 7 -6.16 -30.04 -26.65
CA ALA B 7 -4.75 -30.38 -26.48
C ALA B 7 -4.02 -29.22 -25.82
N PHE B 8 -3.32 -29.51 -24.72
CA PHE B 8 -2.42 -28.55 -24.12
C PHE B 8 -1.01 -28.89 -24.56
N ASN B 9 -0.31 -27.93 -25.16
CA ASN B 9 1.02 -28.17 -25.69
C ASN B 9 2.09 -27.74 -24.69
N LEU B 10 2.61 -28.72 -23.97
CA LEU B 10 3.62 -28.50 -22.92
C LEU B 10 5.03 -28.48 -23.48
N LYS B 11 5.80 -27.44 -23.16
CA LYS B 11 7.20 -27.36 -23.56
C LYS B 11 8.04 -28.22 -22.63
N THR B 12 8.83 -29.12 -23.22
CA THR B 12 9.66 -30.03 -22.46
C THR B 12 11.03 -30.12 -23.11
N ALA B 13 11.97 -30.80 -22.48
CA ALA B 13 13.27 -31.04 -23.08
C ALA B 13 13.15 -31.82 -24.40
N LYS B 14 12.12 -32.63 -24.52
CA LYS B 14 11.92 -33.45 -25.73
C LYS B 14 11.26 -32.67 -26.86
N GLY B 15 10.75 -31.49 -26.56
CA GLY B 15 10.10 -30.65 -27.55
C GLY B 15 8.77 -30.16 -27.01
N GLU B 16 7.70 -30.47 -27.73
CA GLU B 16 6.34 -30.19 -27.25
C GLU B 16 5.59 -31.47 -26.98
N GLU B 17 5.07 -31.61 -25.77
CA GLU B 17 4.28 -32.76 -25.37
C GLU B 17 2.79 -32.39 -25.36
N LYS B 18 2.01 -33.10 -26.17
CA LYS B 18 0.57 -32.86 -26.25
C LYS B 18 -0.16 -33.62 -25.15
N ILE B 19 -0.90 -32.89 -24.34
CA ILE B 19 -1.67 -33.48 -23.25
C ILE B 19 -3.14 -33.11 -23.41
N ASP B 20 -3.99 -34.11 -23.58
CA ASP B 20 -5.42 -33.86 -23.70
C ASP B 20 -5.95 -33.51 -22.32
N ILE B 21 -6.57 -32.33 -22.20
CA ILE B 21 -7.13 -31.85 -20.94
C ILE B 21 -8.58 -31.37 -21.17
N PRO B 22 -9.34 -31.13 -20.09
CA PRO B 22 -10.69 -30.60 -20.35
C PRO B 22 -10.65 -29.27 -21.07
N LYS B 23 -11.59 -29.05 -21.99
CA LYS B 23 -11.71 -27.75 -22.63
C LYS B 23 -12.00 -26.69 -21.59
N ASP B 24 -12.83 -27.06 -20.60
CA ASP B 24 -13.16 -26.19 -19.48
C ASP B 24 -12.99 -26.98 -18.19
N PRO B 25 -11.76 -27.00 -17.64
CA PRO B 25 -11.51 -27.78 -16.41
C PRO B 25 -12.41 -27.33 -15.25
N LYS B 26 -13.07 -28.29 -14.61
CA LYS B 26 -14.01 -28.02 -13.54
C LYS B 26 -13.49 -28.33 -12.13
N ARG B 27 -12.44 -29.14 -12.05
CA ARG B 27 -11.92 -29.58 -10.76
C ARG B 27 -10.42 -29.74 -10.83
N ILE B 28 -9.70 -28.63 -10.78
CA ILE B 28 -8.24 -28.64 -10.86
C ILE B 28 -7.61 -28.83 -9.50
N VAL B 29 -6.61 -29.70 -9.40
CA VAL B 29 -5.78 -29.78 -8.21
C VAL B 29 -4.39 -29.28 -8.58
N VAL B 30 -3.96 -28.22 -7.90
CA VAL B 30 -2.66 -27.62 -8.21
C VAL B 30 -1.63 -27.99 -7.15
N MET B 31 -0.81 -28.99 -7.48
CA MET B 31 0.21 -29.50 -6.55
C MET B 31 1.50 -28.69 -6.59
N ALA B 32 1.73 -27.99 -7.70
CA ALA B 32 2.90 -27.15 -7.88
C ALA B 32 2.55 -25.69 -7.54
N PRO B 33 2.99 -25.18 -6.38
CA PRO B 33 2.52 -23.86 -5.93
C PRO B 33 2.88 -22.70 -6.87
N THR B 34 3.91 -22.89 -7.69
CA THR B 34 4.30 -21.91 -8.70
C THR B 34 3.10 -21.47 -9.53
N TYR B 35 2.21 -22.40 -9.84
CA TYR B 35 1.13 -22.16 -10.80
C TYR B 35 -0.21 -21.85 -10.11
N ALA B 36 -0.23 -21.96 -8.79
CA ALA B 36 -1.46 -21.70 -8.03
C ALA B 36 -1.99 -20.26 -8.18
N GLY B 37 -1.12 -19.29 -7.93
CA GLY B 37 -1.51 -17.89 -8.01
C GLY B 37 -2.05 -17.48 -9.38
N GLY B 38 -1.40 -17.95 -10.45
CA GLY B 38 -1.80 -17.57 -11.80
C GLY B 38 -3.17 -18.11 -12.19
N LEU B 39 -3.47 -19.33 -11.78
CA LEU B 39 -4.76 -19.92 -12.06
C LEU B 39 -5.85 -19.27 -11.21
N LYS B 40 -5.55 -18.96 -9.95
CA LYS B 40 -6.49 -18.24 -9.10
C LYS B 40 -6.80 -16.84 -9.66
N TYR B 41 -5.77 -16.17 -10.19
CA TYR B 41 -5.92 -14.83 -10.75
C TYR B 41 -6.91 -14.83 -11.92
N LEU B 42 -7.00 -15.97 -12.59
CA LEU B 42 -7.90 -16.17 -13.73
C LEU B 42 -9.24 -16.83 -13.29
N ASP B 43 -9.44 -16.96 -11.98
CA ASP B 43 -10.66 -17.55 -11.41
C ASP B 43 -10.89 -18.98 -11.91
N ALA B 44 -9.80 -19.75 -11.98
CA ALA B 44 -9.86 -21.14 -12.35
C ALA B 44 -10.67 -21.94 -11.33
N ASN B 45 -11.20 -23.06 -11.77
CA ASN B 45 -11.97 -23.95 -10.92
C ASN B 45 -11.07 -24.87 -10.10
N ILE B 46 -10.45 -24.33 -9.06
CA ILE B 46 -9.48 -25.07 -8.25
C ILE B 46 -10.17 -25.70 -7.04
N VAL B 47 -9.99 -27.02 -6.88
CA VAL B 47 -10.60 -27.76 -5.78
C VAL B 47 -9.56 -28.25 -4.78
N GLY B 48 -8.29 -28.14 -5.14
CA GLY B 48 -7.22 -28.55 -4.24
C GLY B 48 -5.94 -27.82 -4.58
N VAL B 49 -5.19 -27.44 -3.57
CA VAL B 49 -3.93 -26.73 -3.81
C VAL B 49 -2.87 -27.18 -2.80
N SER B 50 -1.61 -27.21 -3.24
CA SER B 50 -0.46 -27.53 -2.36
C SER B 50 -0.55 -26.79 -1.04
N ASP B 51 -0.35 -27.48 0.09
CA ASP B 51 -0.40 -26.78 1.37
C ASP B 51 0.75 -25.77 1.52
N GLN B 52 1.70 -25.78 0.57
CA GLN B 52 2.78 -24.80 0.58
C GLN B 52 2.27 -23.37 0.40
N VAL B 53 1.11 -23.18 -0.22
CA VAL B 53 0.59 -21.82 -0.42
C VAL B 53 0.30 -21.12 0.92
N ASP B 54 0.12 -21.89 2.00
CA ASP B 54 -0.18 -21.29 3.29
C ASP B 54 1.03 -20.64 3.93
N GLN B 55 2.20 -20.94 3.39
CA GLN B 55 3.43 -20.35 3.89
C GLN B 55 3.72 -19.00 3.25
N SER B 56 2.96 -18.64 2.21
CA SER B 56 3.04 -17.30 1.62
C SER B 56 1.86 -16.46 2.07
N PRO B 57 2.13 -15.30 2.71
CA PRO B 57 0.99 -14.50 3.18
C PRO B 57 0.11 -14.02 2.03
N VAL B 58 0.73 -13.87 0.86
CA VAL B 58 0.03 -13.43 -0.34
C VAL B 58 -0.94 -14.50 -0.84
N LEU B 59 -0.42 -15.72 -1.00
CA LEU B 59 -1.24 -16.82 -1.54
C LEU B 59 -2.23 -17.41 -0.53
N ALA B 60 -1.85 -17.40 0.74
CA ALA B 60 -2.68 -17.95 1.81
C ALA B 60 -4.06 -17.32 1.80
N LYS B 61 -4.12 -15.99 1.69
CA LYS B 61 -5.41 -15.30 1.71
C LYS B 61 -6.25 -15.64 0.48
N GLN B 62 -5.60 -15.90 -0.66
CA GLN B 62 -6.34 -16.24 -1.87
C GLN B 62 -6.90 -17.67 -1.89
N PHE B 63 -6.41 -18.55 -1.02
CA PHE B 63 -6.84 -19.94 -1.03
C PHE B 63 -7.50 -20.36 0.29
N LYS B 64 -8.02 -19.40 1.04
CA LYS B 64 -8.60 -19.71 2.35
C LYS B 64 -9.69 -20.77 2.28
N ASP B 65 -10.47 -20.80 1.21
CA ASP B 65 -11.60 -21.71 1.11
C ASP B 65 -11.36 -22.89 0.18
N VAL B 66 -10.08 -23.21 -0.04
CA VAL B 66 -9.69 -24.34 -0.90
C VAL B 66 -8.93 -25.36 -0.08
N ASP B 67 -9.32 -26.62 -0.25
CA ASP B 67 -8.61 -27.74 0.38
C ASP B 67 -7.12 -27.74 0.10
N LYS B 68 -6.33 -27.94 1.15
CA LYS B 68 -4.89 -28.03 1.03
C LYS B 68 -4.46 -29.48 0.93
N VAL B 69 -3.38 -29.71 0.20
CA VAL B 69 -2.88 -31.05 -0.09
C VAL B 69 -1.39 -31.16 0.25
N GLY B 70 -1.02 -32.21 0.99
CA GLY B 70 0.37 -32.52 1.23
C GLY B 70 1.10 -32.96 -0.03
N ALA B 71 2.38 -32.60 -0.15
CA ALA B 71 3.15 -32.77 -1.39
C ALA B 71 3.12 -34.17 -1.98
N GLU B 72 2.97 -35.18 -1.13
CA GLU B 72 3.03 -36.56 -1.55
C GLU B 72 1.70 -37.28 -1.36
N ASP B 73 0.68 -36.53 -0.95
CA ASP B 73 -0.59 -37.17 -0.59
C ASP B 73 -1.45 -37.45 -1.82
N VAL B 74 -1.08 -38.50 -2.55
CA VAL B 74 -1.79 -38.89 -3.76
C VAL B 74 -3.22 -39.28 -3.43
N GLU B 75 -3.43 -39.89 -2.27
CA GLU B 75 -4.77 -40.33 -1.91
C GLU B 75 -5.67 -39.13 -1.69
N LYS B 76 -5.14 -38.04 -1.15
CA LYS B 76 -5.91 -36.81 -1.03
C LYS B 76 -6.29 -36.28 -2.42
N VAL B 77 -5.34 -36.30 -3.35
CA VAL B 77 -5.64 -35.87 -4.71
C VAL B 77 -6.77 -36.70 -5.29
N ALA B 78 -6.64 -38.02 -5.19
CA ALA B 78 -7.66 -38.92 -5.69
C ALA B 78 -9.02 -38.61 -5.07
N SER B 79 -9.05 -38.32 -3.77
CA SER B 79 -10.31 -38.07 -3.05
C SER B 79 -11.03 -36.82 -3.57
N LEU B 80 -10.26 -35.93 -4.19
CA LEU B 80 -10.82 -34.67 -4.69
C LEU B 80 -11.43 -34.84 -6.09
N LYS B 81 -11.29 -36.04 -6.66
CA LYS B 81 -11.89 -36.33 -7.96
C LYS B 81 -11.63 -35.23 -8.99
N PRO B 82 -10.36 -34.92 -9.23
CA PRO B 82 -10.02 -33.88 -10.20
C PRO B 82 -10.26 -34.28 -11.66
N ASP B 83 -10.44 -33.29 -12.54
CA ASP B 83 -10.38 -33.55 -13.97
C ASP B 83 -9.08 -33.02 -14.56
N LEU B 84 -8.25 -32.40 -13.73
CA LEU B 84 -6.94 -31.91 -14.15
C LEU B 84 -6.03 -31.73 -12.94
N ILE B 85 -4.79 -32.20 -13.07
CA ILE B 85 -3.79 -32.08 -12.03
C ILE B 85 -2.58 -31.33 -12.59
N ILE B 86 -2.10 -30.33 -11.85
CA ILE B 86 -0.92 -29.56 -12.21
C ILE B 86 0.20 -29.85 -11.20
N THR B 87 1.34 -30.29 -11.69
CA THR B 87 2.49 -30.49 -10.81
C THR B 87 3.79 -30.12 -11.52
N TYR B 88 4.93 -30.48 -10.92
CA TYR B 88 6.23 -30.27 -11.55
C TYR B 88 6.74 -31.58 -12.10
N ASN B 89 7.62 -31.52 -13.09
CA ASN B 89 8.17 -32.74 -13.66
C ASN B 89 9.07 -33.48 -12.67
N THR B 90 9.42 -32.82 -11.57
CA THR B 90 10.21 -33.42 -10.48
C THR B 90 9.38 -34.31 -9.56
N ASP B 91 8.07 -34.32 -9.78
CA ASP B 91 7.15 -35.06 -8.91
C ASP B 91 7.34 -36.56 -9.12
N LYS B 92 7.77 -37.24 -8.08
CA LYS B 92 8.02 -38.69 -8.17
C LYS B 92 6.75 -39.45 -8.54
N ASN B 93 5.59 -38.87 -8.22
CA ASN B 93 4.32 -39.57 -8.38
C ASN B 93 3.55 -39.23 -9.65
N THR B 94 4.20 -38.63 -10.63
CA THR B 94 3.50 -38.25 -11.86
C THR B 94 2.77 -39.41 -12.51
N ASP B 95 3.36 -40.60 -12.51
CA ASP B 95 2.72 -41.74 -13.17
C ASP B 95 1.42 -42.11 -12.45
N LYS B 96 1.44 -42.05 -11.12
CA LYS B 96 0.25 -42.30 -10.31
C LYS B 96 -0.82 -41.23 -10.54
N LEU B 97 -0.39 -39.97 -10.59
CA LEU B 97 -1.34 -38.89 -10.80
C LEU B 97 -2.04 -39.01 -12.16
N LYS B 98 -1.30 -39.43 -13.17
CA LYS B 98 -1.84 -39.61 -14.52
C LYS B 98 -2.98 -40.64 -14.56
N LYS B 99 -2.96 -41.62 -13.68
CA LYS B 99 -4.07 -42.58 -13.62
C LYS B 99 -5.30 -41.97 -12.95
N ILE B 100 -5.13 -40.87 -12.22
CA ILE B 100 -6.23 -40.20 -11.56
C ILE B 100 -6.91 -39.23 -12.51
N ALA B 101 -6.12 -38.44 -13.23
CA ALA B 101 -6.66 -37.42 -14.12
C ALA B 101 -5.59 -36.93 -15.09
N PRO B 102 -5.99 -36.28 -16.19
CA PRO B 102 -5.00 -35.57 -17.03
C PRO B 102 -4.08 -34.73 -16.15
N THR B 103 -2.77 -34.90 -16.36
CA THR B 103 -1.75 -34.30 -15.51
C THR B 103 -0.74 -33.55 -16.36
N ILE B 104 -0.52 -32.29 -16.00
CA ILE B 104 0.52 -31.47 -16.61
C ILE B 104 1.64 -31.30 -15.59
N ALA B 105 2.75 -31.97 -15.86
CA ALA B 105 3.91 -31.91 -14.97
C ALA B 105 4.91 -30.95 -15.56
N PHE B 106 4.84 -29.70 -15.15
CA PHE B 106 5.64 -28.64 -15.76
C PHE B 106 7.13 -28.79 -15.52
N ASP B 107 7.90 -28.61 -16.59
CA ASP B 107 9.34 -28.37 -16.51
C ASP B 107 9.45 -26.86 -16.34
N TYR B 108 9.52 -26.43 -15.08
CA TYR B 108 9.40 -25.02 -14.72
C TYR B 108 10.26 -24.10 -15.59
N ALA B 109 11.52 -24.46 -15.77
CA ALA B 109 12.48 -23.58 -16.42
C ALA B 109 12.19 -23.35 -17.90
N LYS B 110 11.22 -24.05 -18.46
CA LYS B 110 10.88 -23.89 -19.88
C LYS B 110 9.98 -22.68 -20.19
N TYR B 111 9.46 -22.03 -19.15
CA TYR B 111 8.58 -20.87 -19.28
C TYR B 111 9.13 -19.71 -18.47
N ASN B 112 9.34 -18.57 -19.12
CA ASN B 112 9.60 -17.37 -18.35
C ASN B 112 8.27 -16.94 -17.76
N TYR B 113 8.32 -15.97 -16.84
CA TYR B 113 7.18 -15.70 -16.00
C TYR B 113 5.96 -15.19 -16.78
N LEU B 114 6.18 -14.51 -17.91
CA LEU B 114 5.05 -14.03 -18.71
C LEU B 114 4.47 -15.18 -19.54
N GLU B 115 5.34 -15.96 -20.17
CA GLU B 115 4.91 -17.18 -20.90
C GLU B 115 4.16 -18.15 -19.98
N GLN B 116 4.57 -18.16 -18.72
CA GLN B 116 3.97 -19.04 -17.73
C GLN B 116 2.52 -18.64 -17.51
N GLN B 117 2.25 -17.35 -17.34
CA GLN B 117 0.87 -16.92 -17.15
C GLN B 117 0.07 -17.08 -18.45
N GLU B 118 0.73 -16.94 -19.60
CA GLU B 118 0.08 -17.23 -20.88
C GLU B 118 -0.34 -18.68 -20.92
N ALA B 119 0.50 -19.58 -20.41
CA ALA B 119 0.14 -21.00 -20.35
C ALA B 119 -1.07 -21.23 -19.44
N MET B 120 -1.13 -20.52 -18.31
CA MET B 120 -2.30 -20.63 -17.44
C MET B 120 -3.58 -20.19 -18.16
N GLY B 121 -3.49 -19.09 -18.91
CA GLY B 121 -4.59 -18.64 -19.74
C GLY B 121 -5.03 -19.69 -20.76
N ASP B 122 -4.06 -20.39 -21.34
CA ASP B 122 -4.39 -21.45 -22.28
C ASP B 122 -5.16 -22.59 -21.62
N ILE B 123 -4.77 -22.94 -20.40
CA ILE B 123 -5.43 -24.02 -19.69
C ILE B 123 -6.90 -23.72 -19.45
N VAL B 124 -7.20 -22.51 -18.98
CA VAL B 124 -8.57 -22.21 -18.61
C VAL B 124 -9.36 -21.48 -19.70
N GLY B 125 -8.73 -21.21 -20.83
CA GLY B 125 -9.43 -20.58 -21.95
C GLY B 125 -9.65 -19.09 -21.77
N LYS B 126 -8.69 -18.42 -21.15
CA LYS B 126 -8.76 -16.98 -20.92
C LYS B 126 -7.51 -16.24 -21.42
N SER B 127 -7.09 -16.54 -22.64
CA SER B 127 -5.91 -15.87 -23.19
C SER B 127 -6.13 -14.36 -23.37
N ASP B 128 -7.36 -13.96 -23.68
CA ASP B 128 -7.66 -12.53 -23.80
C ASP B 128 -7.39 -11.78 -22.50
N GLU B 129 -7.82 -12.39 -21.39
CA GLU B 129 -7.63 -11.78 -20.07
C GLU B 129 -6.14 -11.67 -19.72
N VAL B 130 -5.34 -12.65 -20.11
CA VAL B 130 -3.91 -12.60 -19.83
C VAL B 130 -3.26 -11.49 -20.67
N LYS B 131 -3.70 -11.31 -21.92
CA LYS B 131 -3.13 -10.25 -22.77
C LYS B 131 -3.35 -8.89 -22.15
N LYS B 132 -4.54 -8.67 -21.61
CA LYS B 132 -4.87 -7.40 -20.95
C LYS B 132 -3.98 -7.19 -19.74
N TRP B 133 -3.81 -8.25 -18.93
CA TRP B 133 -2.94 -8.18 -17.77
C TRP B 133 -1.49 -7.87 -18.15
N LYS B 134 -1.00 -8.54 -19.18
CA LYS B 134 0.38 -8.41 -19.61
C LYS B 134 0.66 -7.00 -20.11
N ALA B 135 -0.28 -6.43 -20.86
CA ALA B 135 -0.12 -5.05 -21.32
C ALA B 135 -0.09 -4.06 -20.17
N ASP B 136 -0.92 -4.26 -19.16
CA ASP B 136 -0.92 -3.37 -18.00
C ASP B 136 0.37 -3.50 -17.22
N TRP B 137 0.88 -4.73 -17.11
CA TRP B 137 2.11 -5.02 -16.38
C TRP B 137 3.32 -4.36 -17.06
N GLU B 138 3.37 -4.48 -18.38
CA GLU B 138 4.46 -3.93 -19.17
C GLU B 138 4.48 -2.40 -19.08
N LYS B 139 3.32 -1.77 -19.19
CA LYS B 139 3.24 -0.31 -19.11
C LYS B 139 3.60 0.17 -17.70
N GLN B 140 3.10 -0.52 -16.69
CA GLN B 140 3.39 -0.17 -15.30
C GLN B 140 4.87 -0.26 -15.00
N THR B 141 5.48 -1.39 -15.35
CA THR B 141 6.86 -1.63 -14.98
C THR B 141 7.84 -0.83 -15.82
N ALA B 142 7.46 -0.47 -17.05
CA ALA B 142 8.24 0.48 -17.84
C ALA B 142 8.37 1.81 -17.09
N GLN B 143 7.27 2.28 -16.50
CA GLN B 143 7.30 3.52 -15.77
C GLN B 143 8.13 3.39 -14.50
N ASP B 144 7.90 2.31 -13.74
CA ASP B 144 8.70 2.03 -12.55
C ASP B 144 10.20 2.02 -12.87
N SER B 145 10.55 1.36 -13.98
CA SER B 145 11.95 1.27 -14.40
C SER B 145 12.56 2.67 -14.58
N LYS B 146 11.83 3.55 -15.25
CA LYS B 146 12.32 4.90 -15.48
C LYS B 146 12.53 5.63 -14.17
N ASP B 147 11.53 5.53 -13.28
CA ASP B 147 11.60 6.17 -11.96
C ASP B 147 12.80 5.64 -11.17
N ILE B 148 12.97 4.32 -11.15
CA ILE B 148 14.05 3.71 -10.39
C ILE B 148 15.43 4.06 -10.94
N LYS B 149 15.59 4.01 -12.26
CA LYS B 149 16.89 4.31 -12.87
C LYS B 149 17.23 5.80 -12.77
N ALA B 150 16.22 6.66 -12.78
CA ALA B 150 16.45 8.09 -12.57
C ALA B 150 17.04 8.32 -11.18
N HIS B 151 16.58 7.54 -10.22
CA HIS B 151 17.03 7.69 -8.84
C HIS B 151 18.40 7.06 -8.57
N LEU B 152 18.61 5.83 -9.05
CA LEU B 152 19.80 5.07 -8.67
C LEU B 152 20.90 5.08 -9.72
N GLY B 153 20.53 5.26 -10.99
CA GLY B 153 21.48 5.19 -12.09
C GLY B 153 21.07 4.20 -13.15
N ASP B 154 21.32 4.54 -14.40
CA ASP B 154 20.90 3.73 -15.54
C ASP B 154 21.46 2.30 -15.56
N ASP B 155 22.68 2.15 -15.06
CA ASP B 155 23.41 0.89 -15.18
C ASP B 155 23.44 0.13 -13.84
N THR B 156 22.58 0.54 -12.92
CA THR B 156 22.49 -0.06 -11.58
C THR B 156 22.34 -1.57 -11.66
N SER B 157 23.22 -2.30 -10.98
CA SER B 157 23.10 -3.76 -10.91
C SER B 157 22.57 -4.18 -9.54
N VAL B 158 22.03 -5.39 -9.48
CA VAL B 158 21.43 -5.88 -8.25
C VAL B 158 21.74 -7.37 -8.09
N THR B 159 21.91 -7.76 -6.84
CA THR B 159 22.11 -9.14 -6.43
C THR B 159 21.01 -9.55 -5.47
N ILE B 160 20.44 -10.74 -5.65
CA ILE B 160 19.48 -11.28 -4.70
C ILE B 160 20.08 -12.46 -3.97
N PHE B 161 20.22 -12.33 -2.65
CA PHE B 161 20.61 -13.43 -1.79
C PHE B 161 19.37 -13.89 -1.02
N GLU B 162 19.24 -15.19 -0.82
CA GLU B 162 18.26 -15.70 0.13
C GLU B 162 18.97 -16.46 1.25
N ASP B 163 18.60 -16.11 2.47
CA ASP B 163 19.00 -16.78 3.70
C ASP B 163 17.96 -17.87 3.98
N PHE B 164 18.33 -19.14 3.86
CA PHE B 164 17.37 -20.23 4.08
C PHE B 164 18.06 -21.48 4.66
N ASP B 165 17.55 -21.95 5.78
CA ASP B 165 18.10 -23.11 6.50
C ASP B 165 19.64 -23.02 6.65
N LYS B 166 20.10 -21.84 7.04
CA LYS B 166 21.51 -21.57 7.37
C LYS B 166 22.43 -21.70 6.14
N LYS B 167 21.81 -21.64 4.96
CA LYS B 167 22.56 -21.60 3.70
C LYS B 167 22.19 -20.33 2.96
N ILE B 168 22.96 -20.04 1.92
CA ILE B 168 22.80 -18.83 1.12
C ILE B 168 22.55 -19.24 -0.32
N TYR B 169 21.56 -18.61 -0.95
CA TYR B 169 21.26 -18.86 -2.35
C TYR B 169 21.24 -17.55 -3.11
N ALA B 170 21.54 -17.62 -4.40
CA ALA B 170 21.43 -16.46 -5.27
C ALA B 170 20.73 -16.87 -6.54
N TYR B 171 20.12 -15.91 -7.23
CA TYR B 171 19.18 -16.25 -8.29
C TYR B 171 19.52 -15.66 -9.64
N GLY B 172 19.15 -16.40 -10.68
CA GLY B 172 19.15 -15.91 -12.05
C GLY B 172 17.93 -15.04 -12.29
N LYS B 173 17.59 -14.81 -13.54
CA LYS B 173 16.58 -13.80 -13.86
C LYS B 173 15.13 -14.29 -13.79
N ASN B 174 14.90 -15.58 -13.57
CA ASN B 174 13.53 -16.11 -13.52
C ASN B 174 13.40 -17.26 -12.52
N TRP B 175 13.73 -16.99 -11.25
CA TRP B 175 13.57 -18.00 -10.20
C TRP B 175 12.85 -17.44 -8.98
N GLY B 176 11.88 -16.56 -9.21
CA GLY B 176 11.20 -15.92 -8.09
C GLY B 176 12.13 -15.02 -7.28
N ARG B 177 11.77 -14.79 -6.02
CA ARG B 177 12.50 -13.90 -5.11
C ARG B 177 12.71 -12.50 -5.68
N GLY B 178 11.78 -12.04 -6.51
CA GLY B 178 11.88 -10.72 -7.10
C GLY B 178 12.72 -10.63 -8.34
N SER B 179 13.31 -11.75 -8.76
CA SER B 179 14.20 -11.76 -9.91
C SER B 179 13.50 -11.30 -11.20
N GLU B 180 12.26 -11.72 -11.39
CA GLU B 180 11.54 -11.33 -12.60
C GLU B 180 11.30 -9.84 -12.61
N VAL B 181 10.88 -9.33 -11.47
CA VAL B 181 10.61 -7.90 -11.37
C VAL B 181 11.88 -7.07 -11.57
N LEU B 182 12.96 -7.46 -10.88
CA LEU B 182 14.20 -6.69 -10.87
C LEU B 182 14.95 -6.73 -12.19
N TYR B 183 15.14 -7.92 -12.76
CA TYR B 183 15.96 -8.08 -13.95
C TYR B 183 15.19 -7.94 -15.25
N GLN B 184 13.96 -8.43 -15.30
CA GLN B 184 13.21 -8.40 -16.54
C GLN B 184 12.29 -7.18 -16.61
N ALA B 185 11.42 -7.00 -15.63
CA ALA B 185 10.47 -5.90 -15.69
C ALA B 185 11.13 -4.52 -15.45
N PHE B 186 11.97 -4.40 -14.42
CA PHE B 186 12.65 -3.13 -14.14
C PHE B 186 13.92 -2.98 -15.01
N GLY B 187 14.40 -4.07 -15.58
CA GLY B 187 15.56 -4.03 -16.45
C GLY B 187 16.87 -3.64 -15.76
N LEU B 188 16.99 -3.97 -14.48
CA LEU B 188 18.23 -3.73 -13.75
C LEU B 188 19.27 -4.77 -14.15
N GLN B 189 20.56 -4.42 -14.00
CA GLN B 189 21.62 -5.28 -14.47
C GLN B 189 21.95 -6.39 -13.49
N MET B 190 22.40 -7.51 -14.03
CA MET B 190 22.91 -8.61 -13.23
C MET B 190 24.41 -8.63 -13.36
N PRO B 191 25.13 -8.63 -12.24
CA PRO B 191 26.59 -8.76 -12.31
C PRO B 191 27.02 -9.99 -13.10
N LYS B 192 28.05 -9.84 -13.92
CA LYS B 192 28.48 -10.90 -14.82
C LYS B 192 28.78 -12.19 -14.07
N ALA B 193 29.47 -12.08 -12.93
CA ALA B 193 29.87 -13.27 -12.18
C ALA B 193 28.65 -14.04 -11.69
N LEU B 194 27.60 -13.31 -11.34
CA LEU B 194 26.36 -13.90 -10.83
C LEU B 194 25.57 -14.52 -11.97
N ASP B 195 25.58 -13.86 -13.12
CA ASP B 195 24.96 -14.40 -14.33
C ASP B 195 25.57 -15.75 -14.70
N ASP B 196 26.90 -15.80 -14.75
CA ASP B 196 27.61 -17.04 -15.10
C ASP B 196 27.31 -18.16 -14.11
N ALA B 197 27.17 -17.81 -12.83
CA ALA B 197 26.98 -18.80 -11.78
C ALA B 197 25.54 -19.30 -11.66
N THR B 198 24.59 -18.59 -12.30
CA THR B 198 23.18 -18.97 -12.23
C THR B 198 22.55 -19.33 -13.57
N LYS B 199 23.31 -19.17 -14.65
CA LYS B 199 22.77 -19.38 -16.00
C LYS B 199 22.32 -20.83 -16.24
N LYS B 200 23.13 -21.78 -15.80
CA LYS B 200 22.88 -23.18 -16.13
C LYS B 200 21.64 -23.78 -15.47
N GLU B 201 21.47 -23.54 -14.18
CA GLU B 201 20.37 -24.14 -13.42
C GLU B 201 19.29 -23.12 -13.02
N GLY B 202 19.59 -21.83 -13.15
CA GLY B 202 18.64 -20.77 -12.79
C GLY B 202 18.87 -20.14 -11.44
N TRP B 203 19.74 -20.74 -10.66
CA TRP B 203 19.99 -20.38 -9.26
C TRP B 203 21.25 -21.09 -8.82
N THR B 204 21.81 -20.66 -7.70
CA THR B 204 22.94 -21.38 -7.11
C THR B 204 22.96 -21.25 -5.59
N GLU B 205 23.51 -22.26 -4.93
CA GLU B 205 23.94 -22.09 -3.56
C GLU B 205 25.25 -21.31 -3.59
N VAL B 206 25.38 -20.40 -2.63
CA VAL B 206 26.56 -19.56 -2.49
C VAL B 206 27.32 -19.92 -1.22
N PRO B 207 28.53 -20.46 -1.36
CA PRO B 207 29.32 -20.65 -0.13
C PRO B 207 29.54 -19.31 0.56
N LYS B 208 29.50 -19.29 1.89
CA LYS B 208 29.47 -18.01 2.59
C LYS B 208 30.69 -17.15 2.26
N GLU B 209 31.80 -17.78 1.93
CA GLU B 209 33.04 -17.03 1.68
C GLU B 209 33.03 -16.34 0.31
N GLU B 210 32.05 -16.66 -0.52
CA GLU B 210 32.01 -16.19 -1.90
C GLU B 210 30.95 -15.12 -2.12
N VAL B 211 30.34 -14.66 -1.04
CA VAL B 211 29.28 -13.64 -1.15
C VAL B 211 29.77 -12.43 -1.94
N GLY B 212 31.00 -11.99 -1.64
CA GLY B 212 31.55 -10.81 -2.30
C GLY B 212 31.73 -10.94 -3.80
N LYS B 213 31.95 -12.16 -4.28
CA LYS B 213 32.17 -12.38 -5.72
C LYS B 213 30.94 -12.03 -6.57
N TYR B 214 29.77 -12.04 -5.95
CA TYR B 214 28.50 -11.88 -6.69
C TYR B 214 27.77 -10.57 -6.36
N ALA B 215 28.43 -9.70 -5.60
CA ALA B 215 27.80 -8.47 -5.12
C ALA B 215 27.74 -7.38 -6.18
N GLY B 216 26.55 -6.82 -6.35
CA GLY B 216 26.30 -5.74 -7.29
C GLY B 216 26.15 -4.39 -6.59
N ASP B 217 25.54 -3.43 -7.28
CA ASP B 217 25.38 -2.06 -6.76
C ASP B 217 24.36 -1.99 -5.64
N VAL B 218 23.36 -2.87 -5.74
CA VAL B 218 22.32 -3.02 -4.75
C VAL B 218 22.30 -4.50 -4.35
N ILE B 219 22.21 -4.78 -3.07
CA ILE B 219 22.10 -6.16 -2.60
C ILE B 219 20.82 -6.33 -1.81
N ILE B 220 19.98 -7.28 -2.24
CA ILE B 220 18.72 -7.58 -1.59
C ILE B 220 18.81 -8.96 -0.96
N THR B 221 18.52 -9.05 0.34
CA THR B 221 18.53 -10.32 1.04
C THR B 221 17.10 -10.74 1.40
N ALA B 222 16.66 -11.86 0.86
CA ALA B 222 15.37 -12.44 1.20
C ALA B 222 15.55 -13.36 2.40
N LYS B 223 14.75 -13.14 3.43
CA LYS B 223 14.88 -13.91 4.65
C LYS B 223 13.54 -13.99 5.37
N ALA B 224 13.44 -14.93 6.28
CA ALA B 224 12.25 -15.01 7.10
C ALA B 224 12.16 -13.82 8.03
N LYS B 225 10.96 -13.27 8.16
CA LYS B 225 10.74 -12.14 9.06
C LYS B 225 11.22 -12.47 10.47
N ASP B 226 10.94 -13.69 10.93
CA ASP B 226 11.26 -14.11 12.30
C ASP B 226 12.69 -14.63 12.50
N ALA B 227 13.52 -14.54 11.46
CA ALA B 227 14.91 -14.97 11.54
C ALA B 227 15.77 -13.81 12.03
N ALA B 228 16.82 -14.13 12.79
CA ALA B 228 17.77 -13.10 13.19
C ALA B 228 18.59 -12.70 11.98
N GLN B 229 19.34 -11.62 12.10
CA GLN B 229 20.19 -11.16 11.02
C GLN B 229 21.05 -12.29 10.47
N PRO B 230 21.10 -12.47 9.13
CA PRO B 230 21.92 -13.55 8.59
C PRO B 230 23.40 -13.38 8.93
N GLU B 231 24.09 -14.49 9.13
CA GLU B 231 25.48 -14.41 9.53
C GLU B 231 26.34 -13.72 8.47
N PHE B 232 25.97 -13.85 7.20
CA PHE B 232 26.83 -13.32 6.15
C PHE B 232 26.77 -11.79 6.11
N GLN B 233 25.82 -11.20 6.80
CA GLN B 233 25.75 -9.73 6.88
C GLN B 233 26.58 -9.19 8.04
N LYS B 234 27.22 -10.07 8.80
CA LYS B 234 27.96 -9.67 10.00
C LYS B 234 29.48 -9.69 9.81
N THR B 235 29.93 -9.92 8.58
CA THR B 235 31.36 -10.08 8.33
C THR B 235 32.06 -8.80 7.93
N ALA B 236 33.39 -8.80 8.08
CA ALA B 236 34.20 -7.72 7.53
C ALA B 236 34.04 -7.68 6.02
N MET B 237 33.96 -8.85 5.39
CA MET B 237 33.75 -8.93 3.94
C MET B 237 32.51 -8.13 3.53
N TRP B 238 31.42 -8.33 4.28
CA TRP B 238 30.15 -7.65 4.00
C TRP B 238 30.30 -6.15 4.18
N GLN B 239 30.90 -5.76 5.28
CA GLN B 239 31.17 -4.35 5.59
C GLN B 239 31.85 -3.66 4.41
N ASN B 240 32.78 -4.37 3.77
CA ASN B 240 33.61 -3.78 2.74
C ASN B 240 32.92 -3.66 1.38
N LEU B 241 31.76 -4.30 1.20
CA LEU B 241 31.07 -4.25 -0.09
C LEU B 241 30.59 -2.86 -0.43
N GLU B 242 30.76 -2.49 -1.70
CA GLU B 242 30.36 -1.18 -2.17
C GLU B 242 28.89 -0.89 -1.89
N ALA B 243 28.03 -1.89 -2.10
CA ALA B 243 26.61 -1.70 -1.89
C ALA B 243 26.31 -1.40 -0.41
N VAL B 244 27.03 -2.08 0.47
CA VAL B 244 26.81 -1.93 1.90
C VAL B 244 27.33 -0.58 2.36
N GLN B 245 28.50 -0.18 1.84
CA GLN B 245 29.04 1.14 2.14
C GLN B 245 28.13 2.26 1.63
N ASN B 246 27.44 2.03 0.52
CA ASN B 246 26.51 3.00 -0.03
C ASN B 246 25.12 2.95 0.60
N LYS B 247 24.93 2.00 1.53
CA LYS B 247 23.65 1.80 2.20
C LYS B 247 22.58 1.45 1.17
N TYR B 248 22.99 0.60 0.24
CA TYR B 248 22.14 0.12 -0.84
C TYR B 248 21.88 -1.37 -0.61
N ALA B 249 21.66 -1.74 0.64
CA ALA B 249 21.39 -3.13 0.99
C ALA B 249 20.17 -3.18 1.89
N PHE B 250 19.20 -4.01 1.52
CA PHE B 250 18.00 -4.19 2.33
C PHE B 250 17.44 -5.59 2.25
N ASN B 251 16.66 -5.92 3.27
CA ASN B 251 16.04 -7.23 3.38
C ASN B 251 14.60 -7.21 2.91
N VAL B 252 14.16 -8.35 2.41
CA VAL B 252 12.75 -8.55 2.10
C VAL B 252 12.27 -9.87 2.70
N ASP B 253 10.95 -10.01 2.78
CA ASP B 253 10.30 -11.16 3.40
C ASP B 253 10.26 -12.31 2.39
N SER B 254 11.08 -13.35 2.62
CA SER B 254 11.19 -14.40 1.61
C SER B 254 9.86 -15.10 1.36
N SER B 255 9.00 -15.21 2.39
CA SER B 255 7.75 -15.96 2.25
C SER B 255 6.83 -15.27 1.26
N VAL B 256 6.93 -13.95 1.18
CA VAL B 256 6.17 -13.15 0.24
C VAL B 256 6.80 -13.23 -1.14
N TYR B 257 8.13 -13.25 -1.17
CA TYR B 257 8.86 -13.09 -2.43
C TYR B 257 9.13 -14.37 -3.22
N TRP B 258 8.86 -15.56 -2.65
CA TRP B 258 9.26 -16.81 -3.34
C TRP B 258 8.67 -16.95 -4.74
N TYR B 259 7.42 -16.54 -4.92
CA TYR B 259 6.67 -16.87 -6.12
C TYR B 259 6.73 -15.81 -7.21
N ASN B 260 6.21 -16.14 -8.39
CA ASN B 260 6.19 -15.22 -9.53
C ASN B 260 4.86 -15.22 -10.28
N ASP B 261 3.80 -15.54 -9.56
CA ASP B 261 2.42 -15.42 -10.05
C ASP B 261 1.96 -13.95 -10.02
N PRO B 262 0.85 -13.63 -10.69
CA PRO B 262 0.41 -12.22 -10.77
C PRO B 262 0.14 -11.54 -9.42
N TYR B 263 -0.34 -12.26 -8.40
CA TYR B 263 -0.57 -11.64 -7.09
C TYR B 263 0.77 -11.27 -6.48
N THR B 264 1.67 -12.23 -6.42
CA THR B 264 3.00 -12.00 -5.87
C THR B 264 3.75 -10.93 -6.67
N LEU B 265 3.60 -10.93 -8.00
CA LEU B 265 4.31 -9.98 -8.84
C LEU B 265 3.89 -8.55 -8.49
N ASP B 266 2.61 -8.33 -8.23
CA ASP B 266 2.15 -6.99 -7.89
C ASP B 266 2.64 -6.55 -6.51
N VAL B 267 2.54 -7.44 -5.54
CA VAL B 267 3.06 -7.13 -4.21
C VAL B 267 4.56 -6.80 -4.22
N ILE B 268 5.35 -7.63 -4.90
CA ILE B 268 6.79 -7.44 -4.88
C ILE B 268 7.19 -6.25 -5.75
N ARG B 269 6.46 -5.99 -6.84
CA ARG B 269 6.72 -4.80 -7.65
C ARG B 269 6.59 -3.56 -6.76
N LYS B 270 5.48 -3.48 -6.04
CA LYS B 270 5.23 -2.30 -5.19
C LYS B 270 6.24 -2.16 -4.07
N ASP B 271 6.54 -3.26 -3.38
CA ASP B 271 7.49 -3.24 -2.28
C ASP B 271 8.90 -2.90 -2.78
N LEU B 272 9.35 -3.55 -3.85
CA LEU B 272 10.68 -3.27 -4.40
C LEU B 272 10.80 -1.83 -4.88
N LYS B 273 9.77 -1.33 -5.54
CA LYS B 273 9.82 0.05 -6.01
C LYS B 273 9.95 1.00 -4.83
N LYS B 274 9.12 0.79 -3.80
CA LYS B 274 9.18 1.65 -2.61
C LYS B 274 10.56 1.64 -1.97
N GLN B 275 11.11 0.45 -1.77
CA GLN B 275 12.40 0.32 -1.06
C GLN B 275 13.57 0.88 -1.91
N LEU B 276 13.52 0.65 -3.22
CA LEU B 276 14.58 1.12 -4.10
C LEU B 276 14.58 2.64 -4.19
N LEU B 277 13.40 3.23 -4.30
CA LEU B 277 13.29 4.69 -4.40
C LEU B 277 13.64 5.38 -3.08
N ALA B 278 13.57 4.65 -1.98
CA ALA B 278 13.87 5.19 -0.66
C ALA B 278 15.35 5.11 -0.31
N LEU B 279 16.15 4.45 -1.17
CA LEU B 279 17.59 4.34 -0.93
C LEU B 279 18.23 5.72 -0.99
N PRO B 280 19.32 5.94 -0.23
CA PRO B 280 19.99 4.99 0.67
C PRO B 280 19.24 4.75 1.97
N THR B 281 19.58 3.65 2.65
CA THR B 281 18.99 3.34 3.95
C THR B 281 19.55 4.26 5.03
#